data_3B67
#
_entry.id   3B67
#
_cell.length_a   54.865
_cell.length_b   66.201
_cell.length_c   69.741
_cell.angle_alpha   90.00
_cell.angle_beta   90.00
_cell.angle_gamma   90.00
#
_symmetry.space_group_name_H-M   'P 21 21 21'
#
loop_
_entity.id
_entity.type
_entity.pdbx_description
1 polymer 'Androgen receptor'
2 non-polymer (2S)-2-hydroxy-2-methyl-N-[4-nitro-3-(trifluoromethyl)phenyl]-3-(pentafluorophenoxy)propanamide
3 water water
#
_entity_poly.entity_id   1
_entity_poly.type   'polypeptide(L)'
_entity_poly.pdbx_seq_one_letter_code
;PIFLNVLEAIEPGVVCAGHDNNQPDSFAALLSSLNELGERQLVHVVKWAKALPGFRNLHVDDQMAVIQYSWMGLMVFAMG
WRSFTNVNSRMLYFAPDLVFNEYRMHKSRMYSQCVRMRHLSQEFGWLQITPQEFLCMKALLLFSIIPVDGLKNQKFFDEL
RMNYIKELDRIIACKRKNPTSCSRRFYQLTKLLDSVQPIARELHQFTFDLLIKSHMVSVDFPEMMAEIISVQVPKILSGK
VKPIYFHTQ
;
_entity_poly.pdbx_strand_id   A
#
loop_
_chem_comp.id
_chem_comp.type
_chem_comp.name
_chem_comp.formula
B67 non-polymer (2S)-2-hydroxy-2-methyl-N-[4-nitro-3-(trifluoromethyl)phenyl]-3-(pentafluorophenoxy)propanamide 'C17 H10 F8 N2 O5'
#
# COMPACT_ATOMS: atom_id res chain seq x y z
N PRO A 1 8.19 1.74 -24.51
CA PRO A 1 7.93 1.82 -23.05
C PRO A 1 6.66 1.03 -22.77
N ILE A 2 6.63 -0.22 -23.23
CA ILE A 2 5.48 -1.08 -23.06
C ILE A 2 5.08 -1.27 -21.59
N PHE A 3 6.04 -1.63 -20.76
CA PHE A 3 5.75 -1.86 -19.35
C PHE A 3 5.14 -0.65 -18.65
N LEU A 4 5.71 0.53 -18.88
CA LEU A 4 5.19 1.76 -18.27
C LEU A 4 3.83 2.17 -18.84
N ASN A 5 3.64 1.90 -20.13
CA ASN A 5 2.37 2.21 -20.77
C ASN A 5 1.29 1.47 -20.01
N VAL A 6 1.54 0.19 -19.74
CA VAL A 6 0.57 -0.64 -19.05
C VAL A 6 0.26 -0.20 -17.63
N LEU A 7 1.29 0.07 -16.83
CA LEU A 7 1.08 0.50 -15.45
C LEU A 7 0.26 1.78 -15.42
N GLU A 8 0.58 2.69 -16.33
CA GLU A 8 -0.12 3.96 -16.41
C GLU A 8 -1.58 3.72 -16.76
N ALA A 9 -1.81 2.83 -17.71
CA ALA A 9 -3.16 2.52 -18.17
C ALA A 9 -4.07 1.89 -17.11
N ILE A 10 -3.52 1.04 -16.26
CA ILE A 10 -4.32 0.39 -15.23
C ILE A 10 -4.40 1.12 -13.89
N GLU A 11 -3.60 2.16 -13.70
CA GLU A 11 -3.62 2.92 -12.44
C GLU A 11 -5.04 3.40 -12.15
N PRO A 12 -5.62 2.97 -11.01
CA PRO A 12 -6.99 3.33 -10.58
C PRO A 12 -7.26 4.83 -10.51
N GLY A 13 -8.51 5.21 -10.77
CA GLY A 13 -8.88 6.60 -10.70
C GLY A 13 -9.19 6.98 -9.26
N VAL A 14 -9.84 8.12 -9.07
CA VAL A 14 -10.17 8.61 -7.74
C VAL A 14 -11.21 7.74 -7.02
N VAL A 15 -10.99 7.50 -5.74
CA VAL A 15 -11.95 6.71 -4.97
C VAL A 15 -12.30 7.53 -3.72
N CYS A 16 -13.59 7.79 -3.55
CA CYS A 16 -14.05 8.59 -2.41
C CYS A 16 -14.55 7.69 -1.28
N ALA A 17 -14.50 8.23 -0.05
CA ALA A 17 -14.91 7.49 1.15
C ALA A 17 -16.39 7.63 1.51
N GLY A 18 -17.02 8.70 1.04
CA GLY A 18 -18.43 8.93 1.32
C GLY A 18 -18.62 9.54 2.70
N HIS A 19 -17.53 9.98 3.29
CA HIS A 19 -17.54 10.58 4.62
C HIS A 19 -18.38 11.86 4.71
N ASP A 20 -19.01 12.09 5.86
CA ASP A 20 -19.81 13.30 6.05
C ASP A 20 -18.94 14.38 6.69
N ASN A 21 -18.43 15.28 5.85
CA ASN A 21 -17.56 16.34 6.31
C ASN A 21 -18.27 17.56 6.89
N ASN A 22 -19.59 17.44 7.10
CA ASN A 22 -20.33 18.55 7.67
C ASN A 22 -20.62 18.20 9.12
N GLN A 23 -20.17 17.01 9.52
CA GLN A 23 -20.37 16.52 10.87
C GLN A 23 -19.06 16.60 11.66
N PRO A 24 -19.13 17.01 12.94
CA PRO A 24 -17.93 17.10 13.78
C PRO A 24 -17.20 15.76 13.75
N ASP A 25 -15.89 15.78 13.92
CA ASP A 25 -15.12 14.55 13.91
C ASP A 25 -15.38 13.75 15.17
N SER A 26 -15.32 12.43 15.04
CA SER A 26 -15.51 11.52 16.15
C SER A 26 -14.76 10.25 15.76
N PHE A 27 -14.20 9.54 16.72
CA PHE A 27 -13.48 8.31 16.40
C PHE A 27 -14.32 7.38 15.53
N ALA A 28 -15.52 7.05 16.01
CA ALA A 28 -16.40 6.14 15.29
C ALA A 28 -16.65 6.52 13.83
N ALA A 29 -17.06 7.76 13.59
CA ALA A 29 -17.35 8.24 12.24
C ALA A 29 -16.14 8.18 11.31
N LEU A 30 -14.98 8.59 11.82
CA LEU A 30 -13.75 8.60 11.03
C LEU A 30 -13.33 7.18 10.65
N LEU A 31 -13.33 6.28 11.62
CA LEU A 31 -12.92 4.91 11.36
C LEU A 31 -13.93 4.18 10.48
N SER A 32 -15.20 4.55 10.61
CA SER A 32 -16.23 3.91 9.80
C SER A 32 -15.99 4.33 8.36
N SER A 33 -15.55 5.57 8.18
CA SER A 33 -15.27 6.06 6.84
C SER A 33 -13.98 5.43 6.31
N LEU A 34 -13.01 5.21 7.20
CA LEU A 34 -11.75 4.59 6.76
C LEU A 34 -11.99 3.15 6.34
N ASN A 35 -12.88 2.45 7.03
CA ASN A 35 -13.19 1.05 6.71
C ASN A 35 -13.94 0.99 5.38
N GLU A 36 -14.94 1.85 5.23
CA GLU A 36 -15.73 1.90 4.01
C GLU A 36 -14.82 2.19 2.82
N LEU A 37 -13.97 3.20 2.96
CA LEU A 37 -13.03 3.58 1.92
C LEU A 37 -12.13 2.38 1.60
N GLY A 38 -11.59 1.75 2.64
CA GLY A 38 -10.73 0.61 2.44
C GLY A 38 -11.37 -0.45 1.58
N GLU A 39 -12.65 -0.70 1.84
CA GLU A 39 -13.45 -1.67 1.11
C GLU A 39 -13.66 -1.24 -0.36
N ARG A 40 -13.91 0.04 -0.57
CA ARG A 40 -14.10 0.55 -1.91
C ARG A 40 -12.79 0.42 -2.68
N GLN A 41 -11.70 0.73 -2.00
CA GLN A 41 -10.37 0.64 -2.60
C GLN A 41 -9.95 -0.78 -2.96
N LEU A 42 -10.20 -1.75 -2.09
CA LEU A 42 -9.83 -3.12 -2.36
C LEU A 42 -10.39 -3.61 -3.70
N VAL A 43 -11.62 -3.20 -4.01
CA VAL A 43 -12.25 -3.58 -5.28
C VAL A 43 -11.34 -3.18 -6.44
N HIS A 44 -10.79 -1.98 -6.34
CA HIS A 44 -9.91 -1.45 -7.38
C HIS A 44 -8.54 -2.09 -7.35
N VAL A 45 -8.03 -2.35 -6.15
CA VAL A 45 -6.71 -2.98 -6.04
C VAL A 45 -6.75 -4.36 -6.71
N VAL A 46 -7.85 -5.08 -6.50
CA VAL A 46 -8.00 -6.40 -7.09
C VAL A 46 -8.02 -6.34 -8.61
N LYS A 47 -8.78 -5.39 -9.15
CA LYS A 47 -8.86 -5.24 -10.59
C LYS A 47 -7.52 -4.79 -11.18
N TRP A 48 -6.82 -3.93 -10.46
CA TRP A 48 -5.51 -3.42 -10.90
C TRP A 48 -4.54 -4.59 -10.97
N ALA A 49 -4.38 -5.29 -9.85
CA ALA A 49 -3.48 -6.44 -9.76
C ALA A 49 -3.72 -7.47 -10.85
N LYS A 50 -4.97 -7.85 -11.06
CA LYS A 50 -5.25 -8.85 -12.08
C LYS A 50 -4.91 -8.39 -13.51
N ALA A 51 -4.72 -7.09 -13.71
CA ALA A 51 -4.38 -6.56 -15.04
C ALA A 51 -2.89 -6.26 -15.19
N LEU A 52 -2.12 -6.58 -14.16
CA LEU A 52 -0.68 -6.36 -14.14
C LEU A 52 0.01 -7.36 -15.07
N PRO A 53 1.06 -6.94 -15.80
CA PRO A 53 1.73 -7.88 -16.70
C PRO A 53 2.19 -9.13 -15.95
N GLY A 54 1.87 -10.31 -16.49
CA GLY A 54 2.29 -11.57 -15.88
C GLY A 54 1.58 -12.07 -14.64
N PHE A 55 0.70 -11.26 -14.06
CA PHE A 55 0.00 -11.67 -12.84
C PHE A 55 -0.76 -13.00 -12.93
N ARG A 56 -1.39 -13.25 -14.07
CA ARG A 56 -2.15 -14.50 -14.23
C ARG A 56 -1.24 -15.72 -14.31
N ASN A 57 0.07 -15.49 -14.31
CA ASN A 57 1.02 -16.60 -14.33
C ASN A 57 0.87 -17.32 -13.00
N LEU A 58 0.59 -16.53 -11.96
CA LEU A 58 0.42 -17.05 -10.61
C LEU A 58 -0.75 -18.02 -10.50
N HIS A 59 -0.72 -18.84 -9.46
CA HIS A 59 -1.80 -19.79 -9.20
C HIS A 59 -2.97 -18.95 -8.68
N VAL A 60 -4.18 -19.39 -8.96
CA VAL A 60 -5.38 -18.67 -8.54
C VAL A 60 -5.39 -18.33 -7.05
N ASP A 61 -5.06 -19.31 -6.21
CA ASP A 61 -5.04 -19.11 -4.77
C ASP A 61 -3.93 -18.18 -4.33
N ASP A 62 -2.84 -18.17 -5.08
CA ASP A 62 -1.73 -17.30 -4.75
C ASP A 62 -2.09 -15.87 -5.11
N GLN A 63 -2.79 -15.70 -6.22
CA GLN A 63 -3.20 -14.38 -6.67
C GLN A 63 -3.96 -13.63 -5.59
N MET A 64 -5.01 -14.23 -5.03
CA MET A 64 -5.76 -13.54 -4.00
C MET A 64 -4.98 -13.36 -2.69
N ALA A 65 -4.25 -14.39 -2.28
CA ALA A 65 -3.46 -14.32 -1.05
C ALA A 65 -2.48 -13.17 -1.14
N VAL A 66 -1.79 -13.10 -2.28
CA VAL A 66 -0.81 -12.05 -2.51
C VAL A 66 -1.48 -10.67 -2.44
N ILE A 67 -2.66 -10.56 -3.03
CA ILE A 67 -3.39 -9.30 -3.03
C ILE A 67 -3.82 -8.89 -1.63
N GLN A 68 -4.29 -9.86 -0.86
CA GLN A 68 -4.75 -9.58 0.50
C GLN A 68 -3.60 -9.28 1.46
N TYR A 69 -2.47 -9.96 1.31
CA TYR A 69 -1.34 -9.70 2.20
C TYR A 69 -0.69 -8.34 1.93
N SER A 70 -0.51 -8.02 0.65
CA SER A 70 0.13 -6.76 0.28
C SER A 70 -0.80 -5.56 0.25
N TRP A 71 -2.11 -5.80 0.36
CA TRP A 71 -3.11 -4.75 0.33
C TRP A 71 -2.75 -3.49 1.13
N MET A 72 -2.45 -3.64 2.42
CA MET A 72 -2.12 -2.48 3.26
C MET A 72 -0.92 -1.66 2.77
N GLY A 73 0.18 -2.34 2.47
CA GLY A 73 1.37 -1.65 1.99
C GLY A 73 1.15 -0.90 0.69
N LEU A 74 0.35 -1.47 -0.20
CA LEU A 74 0.07 -0.84 -1.48
C LEU A 74 -0.64 0.49 -1.27
N MET A 75 -1.66 0.46 -0.41
CA MET A 75 -2.47 1.62 -0.08
C MET A 75 -1.64 2.69 0.60
N VAL A 76 -0.86 2.28 1.57
CA VAL A 76 -0.01 3.19 2.31
C VAL A 76 0.86 3.97 1.33
N PHE A 77 1.46 3.23 0.40
CA PHE A 77 2.35 3.80 -0.60
C PHE A 77 1.62 4.79 -1.52
N ALA A 78 0.48 4.36 -2.04
CA ALA A 78 -0.32 5.19 -2.93
C ALA A 78 -0.85 6.44 -2.22
N MET A 79 -1.34 6.26 -1.00
CA MET A 79 -1.89 7.37 -0.22
C MET A 79 -0.79 8.39 0.08
N GLY A 80 0.43 7.90 0.29
CA GLY A 80 1.55 8.79 0.56
C GLY A 80 1.85 9.64 -0.66
N TRP A 81 1.82 9.00 -1.83
CA TRP A 81 2.08 9.69 -3.08
C TRP A 81 0.97 10.71 -3.33
N ARG A 82 -0.27 10.35 -3.02
CA ARG A 82 -1.40 11.26 -3.20
C ARG A 82 -1.26 12.48 -2.29
N SER A 83 -0.80 12.24 -1.07
CA SER A 83 -0.60 13.32 -0.11
C SER A 83 0.47 14.25 -0.64
N PHE A 84 1.52 13.66 -1.20
CA PHE A 84 2.62 14.42 -1.76
C PHE A 84 2.17 15.29 -2.93
N THR A 85 1.62 14.65 -3.97
CA THR A 85 1.20 15.41 -5.14
C THR A 85 0.03 16.37 -4.93
N ASN A 86 -0.93 16.00 -4.08
CA ASN A 86 -2.10 16.85 -3.86
C ASN A 86 -1.98 17.98 -2.84
N VAL A 87 -1.38 17.70 -1.69
CA VAL A 87 -1.26 18.73 -0.67
C VAL A 87 0.18 18.90 -0.18
N ASN A 88 1.13 18.55 -1.04
CA ASN A 88 2.55 18.66 -0.72
C ASN A 88 2.91 18.07 0.64
N SER A 89 2.26 16.94 0.98
CA SER A 89 2.53 16.26 2.24
C SER A 89 2.03 17.02 3.46
N ARG A 90 1.28 18.09 3.22
CA ARG A 90 0.74 18.91 4.30
C ARG A 90 -0.18 18.07 5.18
N MET A 91 -1.06 17.29 4.56
CA MET A 91 -1.99 16.43 5.30
C MET A 91 -2.06 15.09 4.59
N LEU A 92 -2.70 14.10 5.21
CA LEU A 92 -2.82 12.78 4.60
C LEU A 92 -4.07 12.71 3.73
N TYR A 93 -3.86 12.55 2.43
CA TYR A 93 -4.95 12.49 1.47
C TYR A 93 -5.45 11.07 1.26
N PHE A 94 -6.23 10.55 2.20
CA PHE A 94 -6.75 9.20 2.05
C PHE A 94 -7.70 9.16 0.86
N ALA A 95 -8.46 10.24 0.70
CA ALA A 95 -9.41 10.39 -0.40
C ALA A 95 -9.77 11.88 -0.46
N PRO A 96 -10.33 12.33 -1.60
CA PRO A 96 -10.71 13.74 -1.72
C PRO A 96 -11.66 14.19 -0.60
N ASP A 97 -12.46 13.26 -0.09
CA ASP A 97 -13.41 13.59 0.97
C ASP A 97 -13.01 13.00 2.32
N LEU A 98 -11.74 12.63 2.45
CA LEU A 98 -11.21 12.09 3.69
C LEU A 98 -9.75 12.49 3.81
N VAL A 99 -9.53 13.77 4.08
CA VAL A 99 -8.20 14.34 4.23
C VAL A 99 -7.95 14.59 5.72
N PHE A 100 -6.88 14.02 6.23
CA PHE A 100 -6.54 14.14 7.64
C PHE A 100 -5.56 15.24 7.99
N ASN A 101 -5.95 16.06 8.97
CA ASN A 101 -5.06 17.09 9.49
C ASN A 101 -4.61 16.49 10.82
N GLU A 102 -3.77 17.22 11.58
CA GLU A 102 -3.29 16.71 12.86
C GLU A 102 -4.43 16.37 13.80
N TYR A 103 -5.48 17.18 13.79
CA TYR A 103 -6.62 16.92 14.67
C TYR A 103 -7.25 15.57 14.40
N ARG A 104 -7.44 15.26 13.11
CA ARG A 104 -8.04 13.99 12.72
C ARG A 104 -7.06 12.85 13.00
N MET A 105 -5.77 13.12 12.83
CA MET A 105 -4.75 12.12 13.09
C MET A 105 -4.85 11.71 14.56
N HIS A 106 -5.02 12.70 15.43
CA HIS A 106 -5.14 12.42 16.86
C HIS A 106 -6.49 11.79 17.19
N LYS A 107 -7.56 12.31 16.61
CA LYS A 107 -8.91 11.80 16.86
C LYS A 107 -9.11 10.36 16.41
N SER A 108 -8.42 9.96 15.34
CA SER A 108 -8.54 8.61 14.81
C SER A 108 -7.79 7.59 15.64
N ARG A 109 -6.98 8.09 16.58
CA ARG A 109 -6.19 7.23 17.46
C ARG A 109 -5.16 6.46 16.64
N MET A 110 -4.78 7.03 15.49
CA MET A 110 -3.79 6.40 14.61
C MET A 110 -2.66 7.40 14.37
N TYR A 111 -2.46 8.30 15.32
CA TYR A 111 -1.46 9.34 15.18
C TYR A 111 -0.07 8.87 14.78
N SER A 112 0.53 7.98 15.56
CA SER A 112 1.87 7.49 15.25
C SER A 112 1.98 6.95 13.83
N GLN A 113 0.99 6.18 13.38
CA GLN A 113 1.05 5.62 12.04
C GLN A 113 0.89 6.73 11.00
N CYS A 114 -0.01 7.67 11.27
CA CYS A 114 -0.24 8.78 10.34
C CYS A 114 1.03 9.61 10.16
N VAL A 115 1.75 9.83 11.26
CA VAL A 115 2.98 10.61 11.21
C VAL A 115 4.04 9.91 10.37
N ARG A 116 4.11 8.58 10.48
CA ARG A 116 5.08 7.83 9.69
C ARG A 116 4.72 7.93 8.22
N MET A 117 3.42 7.87 7.92
CA MET A 117 2.96 7.97 6.55
C MET A 117 3.19 9.38 5.98
N ARG A 118 3.06 10.40 6.81
CA ARG A 118 3.30 11.76 6.34
C ARG A 118 4.78 11.87 5.97
N HIS A 119 5.62 11.26 6.80
CA HIS A 119 7.06 11.30 6.56
C HIS A 119 7.40 10.59 5.24
N LEU A 120 6.67 9.51 4.95
CA LEU A 120 6.86 8.77 3.72
C LEU A 120 6.48 9.69 2.57
N SER A 121 5.33 10.34 2.73
CA SER A 121 4.82 11.27 1.74
C SER A 121 5.88 12.31 1.40
N GLN A 122 6.56 12.81 2.42
CA GLN A 122 7.59 13.83 2.22
C GLN A 122 8.79 13.22 1.52
N GLU A 123 8.95 11.92 1.67
CA GLU A 123 10.04 11.20 1.03
C GLU A 123 9.97 11.31 -0.48
N PHE A 124 8.76 11.18 -1.03
CA PHE A 124 8.59 11.26 -2.47
C PHE A 124 9.12 12.60 -2.98
N GLY A 125 9.04 13.62 -2.12
CA GLY A 125 9.51 14.95 -2.48
C GLY A 125 11.02 15.11 -2.30
N TRP A 126 11.51 14.72 -1.13
CA TRP A 126 12.94 14.83 -0.85
C TRP A 126 13.75 14.06 -1.87
N LEU A 127 13.28 12.85 -2.21
CA LEU A 127 13.98 12.00 -3.17
C LEU A 127 13.60 12.30 -4.61
N GLN A 128 12.70 13.27 -4.81
CA GLN A 128 12.27 13.62 -6.15
C GLN A 128 11.89 12.35 -6.90
N ILE A 129 11.01 11.56 -6.28
CA ILE A 129 10.53 10.33 -6.88
C ILE A 129 9.70 10.69 -8.12
N THR A 130 10.03 10.11 -9.26
CA THR A 130 9.29 10.40 -10.48
C THR A 130 8.01 9.60 -10.52
N PRO A 131 7.02 10.08 -11.29
CA PRO A 131 5.73 9.42 -11.44
C PRO A 131 5.90 7.97 -11.91
N GLN A 132 6.92 7.74 -12.73
CA GLN A 132 7.18 6.41 -13.26
C GLN A 132 7.88 5.50 -12.24
N GLU A 133 8.77 6.07 -11.43
CA GLU A 133 9.45 5.28 -10.40
C GLU A 133 8.37 4.85 -9.42
N PHE A 134 7.46 5.76 -9.11
CA PHE A 134 6.35 5.47 -8.22
C PHE A 134 5.51 4.28 -8.71
N LEU A 135 5.13 4.30 -9.98
CA LEU A 135 4.31 3.22 -10.52
C LEU A 135 5.00 1.87 -10.41
N CYS A 136 6.28 1.81 -10.77
CA CYS A 136 7.01 0.55 -10.70
C CYS A 136 7.23 0.08 -9.27
N MET A 137 7.53 1.02 -8.38
CA MET A 137 7.73 0.67 -6.99
C MET A 137 6.43 0.12 -6.41
N LYS A 138 5.30 0.76 -6.73
CA LYS A 138 4.02 0.31 -6.21
C LYS A 138 3.70 -1.09 -6.73
N ALA A 139 4.02 -1.35 -7.98
CA ALA A 139 3.79 -2.67 -8.55
C ALA A 139 4.63 -3.68 -7.77
N LEU A 140 5.89 -3.33 -7.54
CA LEU A 140 6.81 -4.20 -6.80
C LEU A 140 6.30 -4.60 -5.41
N LEU A 141 5.60 -3.69 -4.75
CA LEU A 141 5.07 -3.97 -3.42
C LEU A 141 4.07 -5.12 -3.43
N LEU A 142 3.44 -5.38 -4.57
CA LEU A 142 2.47 -6.47 -4.64
C LEU A 142 3.17 -7.82 -4.46
N PHE A 143 4.47 -7.85 -4.78
CA PHE A 143 5.26 -9.06 -4.66
C PHE A 143 6.32 -8.89 -3.59
N SER A 144 5.95 -8.31 -2.46
CA SER A 144 6.92 -8.09 -1.40
C SER A 144 6.54 -8.64 -0.02
N ILE A 145 5.58 -9.56 0.02
CA ILE A 145 5.16 -10.16 1.28
C ILE A 145 4.53 -11.53 1.02
N ILE A 146 5.22 -12.58 1.45
CA ILE A 146 4.74 -13.95 1.24
C ILE A 146 4.80 -14.82 2.49
N PRO A 147 4.12 -15.98 2.46
CA PRO A 147 4.09 -16.91 3.58
C PRO A 147 5.45 -17.60 3.70
N VAL A 148 5.88 -17.85 4.94
CA VAL A 148 7.14 -18.52 5.18
C VAL A 148 7.12 -19.93 4.54
N ASP A 149 5.94 -20.53 4.48
CA ASP A 149 5.77 -21.86 3.89
C ASP A 149 5.70 -21.80 2.37
N GLY A 150 5.71 -20.59 1.82
CA GLY A 150 5.66 -20.45 0.39
C GLY A 150 4.24 -20.59 -0.15
N LEU A 151 4.05 -20.19 -1.40
CA LEU A 151 2.76 -20.25 -2.06
C LEU A 151 2.63 -21.56 -2.82
N LYS A 152 1.49 -21.75 -3.49
CA LYS A 152 1.28 -22.97 -4.28
C LYS A 152 2.41 -23.09 -5.29
N ASN A 153 2.61 -22.04 -6.06
CA ASN A 153 3.68 -22.00 -7.07
C ASN A 153 4.64 -20.88 -6.74
N GLN A 154 5.57 -21.15 -5.82
CA GLN A 154 6.54 -20.15 -5.42
C GLN A 154 7.41 -19.70 -6.60
N LYS A 155 7.87 -20.65 -7.40
CA LYS A 155 8.72 -20.36 -8.55
C LYS A 155 8.16 -19.33 -9.52
N PHE A 156 6.86 -19.39 -9.79
CA PHE A 156 6.26 -18.43 -10.70
C PHE A 156 6.24 -17.06 -10.04
N PHE A 157 6.08 -17.06 -8.72
CA PHE A 157 6.06 -15.82 -7.96
C PHE A 157 7.47 -15.20 -8.02
N ASP A 158 8.46 -16.00 -7.66
CA ASP A 158 9.85 -15.54 -7.68
C ASP A 158 10.20 -14.97 -9.05
N GLU A 159 9.78 -15.63 -10.12
CA GLU A 159 10.04 -15.16 -11.48
C GLU A 159 9.40 -13.78 -11.66
N LEU A 160 8.12 -13.70 -11.29
CA LEU A 160 7.37 -12.46 -11.40
C LEU A 160 8.09 -11.33 -10.66
N ARG A 161 8.45 -11.57 -9.41
CA ARG A 161 9.14 -10.58 -8.59
C ARG A 161 10.44 -10.15 -9.25
N MET A 162 11.26 -11.12 -9.64
CA MET A 162 12.54 -10.81 -10.28
C MET A 162 12.34 -9.88 -11.48
N ASN A 163 11.38 -10.20 -12.34
CA ASN A 163 11.12 -9.38 -13.51
C ASN A 163 10.69 -7.95 -13.17
N TYR A 164 9.97 -7.77 -12.06
CA TYR A 164 9.55 -6.42 -11.66
C TYR A 164 10.71 -5.62 -11.08
N ILE A 165 11.61 -6.30 -10.38
CA ILE A 165 12.76 -5.61 -9.82
C ILE A 165 13.55 -5.07 -11.01
N LYS A 166 13.67 -5.89 -12.05
CA LYS A 166 14.40 -5.49 -13.25
C LYS A 166 13.76 -4.32 -13.98
N GLU A 167 12.43 -4.25 -13.98
CA GLU A 167 11.78 -3.13 -14.66
C GLU A 167 12.13 -1.85 -13.92
N LEU A 168 12.20 -1.94 -12.59
CA LEU A 168 12.53 -0.79 -11.77
C LEU A 168 13.96 -0.37 -12.11
N ASP A 169 14.81 -1.36 -12.36
CA ASP A 169 16.19 -1.10 -12.75
C ASP A 169 16.17 -0.26 -14.01
N ARG A 170 15.38 -0.72 -14.97
CA ARG A 170 15.24 -0.04 -16.25
C ARG A 170 14.81 1.42 -16.14
N ILE A 171 13.83 1.69 -15.29
CA ILE A 171 13.36 3.07 -15.12
C ILE A 171 14.42 3.95 -14.48
N ILE A 172 15.36 3.32 -13.81
CA ILE A 172 16.45 4.04 -13.17
C ILE A 172 17.61 4.16 -14.16
N ALA A 173 17.84 3.11 -14.95
CA ALA A 173 18.92 3.09 -15.93
C ALA A 173 18.67 4.13 -17.03
N CYS A 174 17.41 4.37 -17.34
CA CYS A 174 17.04 5.35 -18.36
C CYS A 174 17.59 6.72 -17.99
N LYS A 175 18.13 7.42 -18.98
CA LYS A 175 18.70 8.76 -18.77
C LYS A 175 19.71 8.79 -17.62
N ARG A 176 20.48 7.71 -17.49
CA ARG A 176 21.52 7.58 -16.46
C ARG A 176 22.65 6.70 -17.00
N LYS A 177 23.82 7.31 -17.21
CA LYS A 177 24.96 6.57 -17.74
C LYS A 177 25.93 6.09 -16.67
N ASN A 178 26.31 6.98 -15.75
CA ASN A 178 27.23 6.63 -14.67
C ASN A 178 26.58 5.63 -13.70
N PRO A 179 27.07 4.38 -13.68
CA PRO A 179 26.54 3.34 -12.80
C PRO A 179 26.46 3.74 -11.33
N THR A 180 27.40 4.56 -10.89
CA THR A 180 27.45 5.02 -9.50
C THR A 180 26.23 5.87 -9.15
N SER A 181 25.62 6.47 -10.16
CA SER A 181 24.43 7.30 -9.97
C SER A 181 23.20 6.40 -9.92
N CYS A 182 23.24 5.33 -10.69
CA CYS A 182 22.12 4.37 -10.73
C CYS A 182 22.15 3.51 -9.48
N SER A 183 23.35 3.12 -9.06
CA SER A 183 23.50 2.31 -7.86
C SER A 183 23.01 3.10 -6.66
N ARG A 184 23.32 4.40 -6.62
CA ARG A 184 22.89 5.23 -5.50
C ARG A 184 21.37 5.39 -5.54
N ARG A 185 20.82 5.48 -6.74
CA ARG A 185 19.37 5.64 -6.91
C ARG A 185 18.66 4.37 -6.46
N PHE A 186 19.16 3.22 -6.90
CA PHE A 186 18.57 1.94 -6.56
C PHE A 186 18.60 1.74 -5.05
N TYR A 187 19.67 2.22 -4.42
CA TYR A 187 19.80 2.08 -2.97
C TYR A 187 18.69 2.86 -2.27
N GLN A 188 18.54 4.13 -2.63
CA GLN A 188 17.53 4.98 -2.02
C GLN A 188 16.13 4.43 -2.15
N LEU A 189 15.79 3.94 -3.34
CA LEU A 189 14.44 3.42 -3.60
C LEU A 189 14.15 2.12 -2.88
N THR A 190 15.06 1.16 -2.94
CA THR A 190 14.84 -0.10 -2.24
C THR A 190 14.75 0.23 -0.76
N LYS A 191 15.54 1.22 -0.35
CA LYS A 191 15.53 1.65 1.03
C LYS A 191 14.16 2.27 1.32
N LEU A 192 13.63 3.03 0.37
CA LEU A 192 12.32 3.64 0.56
C LEU A 192 11.28 2.52 0.61
N LEU A 193 11.36 1.59 -0.33
CA LEU A 193 10.41 0.48 -0.38
C LEU A 193 10.34 -0.30 0.93
N ASP A 194 11.50 -0.58 1.53
CA ASP A 194 11.54 -1.31 2.80
C ASP A 194 10.78 -0.60 3.90
N SER A 195 10.89 0.73 3.95
CA SER A 195 10.23 1.53 4.97
C SER A 195 8.71 1.42 5.00
N VAL A 196 8.13 0.97 3.90
CA VAL A 196 6.67 0.83 3.83
C VAL A 196 6.13 -0.31 4.69
N GLN A 197 6.89 -1.41 4.75
CA GLN A 197 6.47 -2.58 5.50
C GLN A 197 6.16 -2.32 6.97
N PRO A 198 7.10 -1.72 7.71
CA PRO A 198 6.87 -1.45 9.13
C PRO A 198 5.63 -0.61 9.39
N ILE A 199 5.33 0.31 8.48
CA ILE A 199 4.16 1.17 8.60
C ILE A 199 2.89 0.34 8.44
N ALA A 200 2.89 -0.55 7.46
CA ALA A 200 1.75 -1.42 7.20
C ALA A 200 1.52 -2.34 8.40
N ARG A 201 2.63 -2.81 8.98
CA ARG A 201 2.58 -3.68 10.15
C ARG A 201 1.81 -2.96 11.27
N GLU A 202 2.18 -1.72 11.57
CA GLU A 202 1.51 -0.97 12.62
C GLU A 202 0.03 -0.72 12.34
N LEU A 203 -0.32 -0.51 11.08
CA LEU A 203 -1.72 -0.30 10.75
C LEU A 203 -2.48 -1.61 10.95
N HIS A 204 -1.85 -2.71 10.56
CA HIS A 204 -2.43 -4.05 10.68
C HIS A 204 -2.79 -4.33 12.14
N GLN A 205 -1.82 -4.08 13.02
CA GLN A 205 -1.97 -4.29 14.44
C GLN A 205 -3.12 -3.45 14.96
N PHE A 206 -3.13 -2.18 14.55
CA PHE A 206 -4.18 -1.26 14.94
C PHE A 206 -5.52 -1.77 14.46
N THR A 207 -5.58 -2.15 13.20
CA THR A 207 -6.82 -2.64 12.61
C THR A 207 -7.31 -3.92 13.29
N PHE A 208 -6.38 -4.83 13.57
CA PHE A 208 -6.73 -6.08 14.22
C PHE A 208 -7.31 -5.79 15.60
N ASP A 209 -6.59 -5.01 16.41
CA ASP A 209 -7.09 -4.72 17.76
C ASP A 209 -8.47 -4.07 17.69
N LEU A 210 -8.66 -3.18 16.73
CA LEU A 210 -9.94 -2.48 16.58
C LEU A 210 -11.10 -3.42 16.21
N LEU A 211 -10.83 -4.40 15.34
CA LEU A 211 -11.86 -5.35 14.94
C LEU A 211 -12.29 -6.16 16.17
N ILE A 212 -11.33 -6.57 17.00
CA ILE A 212 -11.64 -7.35 18.18
C ILE A 212 -12.54 -6.63 19.18
N LYS A 213 -12.40 -5.32 19.29
CA LYS A 213 -13.23 -4.57 20.21
C LYS A 213 -14.21 -3.66 19.47
N SER A 214 -14.39 -3.93 18.18
CA SER A 214 -15.28 -3.13 17.34
C SER A 214 -16.66 -2.95 17.95
N HIS A 215 -17.21 -4.04 18.48
CA HIS A 215 -18.53 -4.01 19.10
C HIS A 215 -18.60 -3.13 20.35
N MET A 216 -17.43 -2.69 20.83
CA MET A 216 -17.34 -1.85 22.02
C MET A 216 -17.07 -0.39 21.68
N VAL A 217 -16.71 -0.13 20.43
CA VAL A 217 -16.41 1.23 19.99
C VAL A 217 -17.35 1.75 18.91
N SER A 218 -18.43 1.01 18.66
CA SER A 218 -19.41 1.41 17.65
C SER A 218 -18.77 1.60 16.28
N VAL A 219 -17.87 0.69 15.91
CA VAL A 219 -17.19 0.78 14.62
C VAL A 219 -17.66 -0.32 13.66
N ASP A 220 -18.21 0.11 12.52
CA ASP A 220 -18.73 -0.82 11.51
C ASP A 220 -17.63 -1.37 10.58
N PHE A 221 -17.54 -2.70 10.52
CA PHE A 221 -16.57 -3.36 9.64
C PHE A 221 -17.26 -4.10 8.50
N PRO A 222 -16.94 -3.71 7.25
CA PRO A 222 -17.52 -4.32 6.06
C PRO A 222 -17.23 -5.82 6.00
N GLU A 223 -18.16 -6.56 5.39
CA GLU A 223 -18.05 -8.00 5.26
C GLU A 223 -16.70 -8.54 4.82
N MET A 224 -16.27 -8.15 3.62
CA MET A 224 -14.99 -8.62 3.09
C MET A 224 -13.81 -8.27 3.99
N MET A 225 -13.72 -7.01 4.38
CA MET A 225 -12.64 -6.53 5.21
C MET A 225 -12.51 -7.38 6.47
N ALA A 226 -13.60 -7.52 7.20
CA ALA A 226 -13.63 -8.30 8.44
C ALA A 226 -13.03 -9.69 8.24
N GLU A 227 -13.35 -10.31 7.12
CA GLU A 227 -12.86 -11.64 6.82
C GLU A 227 -11.35 -11.62 6.67
N ILE A 228 -10.86 -10.64 5.93
CA ILE A 228 -9.42 -10.53 5.70
C ILE A 228 -8.66 -10.27 6.99
N ILE A 229 -9.21 -9.39 7.83
CA ILE A 229 -8.58 -9.05 9.10
C ILE A 229 -8.53 -10.25 10.04
N SER A 230 -9.60 -11.04 10.03
CA SER A 230 -9.68 -12.19 10.92
C SER A 230 -8.97 -13.43 10.40
N VAL A 231 -8.86 -13.57 9.08
CA VAL A 231 -8.20 -14.73 8.49
C VAL A 231 -6.78 -14.46 8.00
N GLN A 232 -6.59 -13.37 7.28
CA GLN A 232 -5.30 -13.04 6.71
C GLN A 232 -4.33 -12.24 7.59
N VAL A 233 -4.79 -11.14 8.15
CA VAL A 233 -3.93 -10.30 8.98
C VAL A 233 -3.30 -11.02 10.17
N PRO A 234 -4.01 -11.97 10.79
CA PRO A 234 -3.37 -12.64 11.93
C PRO A 234 -2.11 -13.41 11.47
N LYS A 235 -2.13 -13.93 10.25
CA LYS A 235 -0.97 -14.66 9.74
C LYS A 235 0.23 -13.75 9.68
N ILE A 236 -0.01 -12.48 9.35
CA ILE A 236 1.09 -11.53 9.25
C ILE A 236 1.59 -11.13 10.64
N LEU A 237 0.65 -10.83 11.54
CA LEU A 237 1.03 -10.42 12.89
C LEU A 237 1.69 -11.54 13.68
N SER A 238 1.36 -12.79 13.36
CA SER A 238 1.94 -13.93 14.08
C SER A 238 3.26 -14.39 13.46
N GLY A 239 3.60 -13.86 12.29
CA GLY A 239 4.85 -14.23 11.66
C GLY A 239 4.81 -15.33 10.60
N LYS A 240 3.64 -15.92 10.35
CA LYS A 240 3.54 -16.97 9.34
C LYS A 240 3.70 -16.38 7.92
N VAL A 241 3.32 -15.13 7.77
CA VAL A 241 3.45 -14.42 6.50
C VAL A 241 4.37 -13.22 6.76
N LYS A 242 5.46 -13.12 5.99
CA LYS A 242 6.41 -12.03 6.20
C LYS A 242 6.80 -11.27 4.93
N PRO A 243 7.23 -10.00 5.09
CA PRO A 243 7.64 -9.20 3.94
C PRO A 243 9.03 -9.57 3.43
N ILE A 244 9.30 -9.24 2.19
CA ILE A 244 10.60 -9.50 1.61
C ILE A 244 11.33 -8.17 1.60
N TYR A 245 12.35 -8.05 2.44
CA TYR A 245 13.12 -6.82 2.50
C TYR A 245 14.28 -6.88 1.52
N PHE A 246 14.80 -5.71 1.17
CA PHE A 246 15.95 -5.65 0.28
C PHE A 246 17.19 -5.66 1.17
N HIS A 247 17.10 -4.89 2.26
CA HIS A 247 18.20 -4.74 3.20
C HIS A 247 18.00 -5.54 4.49
F1 B67 B . -3.56 3.32 5.68
C7 B67 B . -3.93 3.62 4.44
F2 B67 B . -3.32 2.76 3.63
F3 B67 B . -3.48 4.85 4.21
C4 B67 B . -5.46 3.53 4.27
C5 B67 B . -6.20 2.86 5.24
C3 B67 B . -6.17 4.16 3.24
N8 B67 B . -5.60 4.64 2.14
O2 B67 B . -6.41 5.36 1.22
O1 B67 B . -4.21 4.54 1.87
C2 B67 B . -7.56 4.11 3.23
C1 B67 B . -8.28 3.44 4.22
C6 B67 B . -7.59 2.79 5.23
N9 B67 B . -8.28 2.08 6.11
C10 B67 B . -7.74 1.36 7.10
O10 B67 B . -6.54 1.27 7.33
C11 B67 B . -8.76 0.60 7.96
O11 B67 B . -10.09 0.94 7.55
C12 B67 B . -8.56 0.96 9.44
C13 B67 B . -8.52 -0.89 7.77
O14 B67 B . -8.84 -1.34 6.45
C16 B67 B . -7.83 -2.10 5.90
C17 B67 B . -7.03 -1.58 4.90
F17 B67 B . -7.26 -0.31 4.49
C18 B67 B . -6.03 -2.37 4.32
F18 B67 B . -5.30 -1.87 3.30
C19 B67 B . -5.83 -3.67 4.78
F19 B67 B . -4.81 -4.41 4.28
C20 B67 B . -6.64 -4.19 5.80
F20 B67 B . -6.40 -5.43 6.28
C21 B67 B . -7.64 -3.40 6.34
F21 B67 B . -8.50 -3.89 7.28
#